data_2C6Y
#
_entry.id   2C6Y
#
_cell.length_a   58.736
_cell.length_b   58.736
_cell.length_c   324.923
_cell.angle_alpha   90.00
_cell.angle_beta   90.00
_cell.angle_gamma   120.00
#
_symmetry.space_group_name_H-M   'P 61 2 2'
#
loop_
_entity.id
_entity.type
_entity.pdbx_description
1 polymer 'FORKHEAD BOX PROTEIN K2'
2 polymer 'INTERLEUKIN 2 PROMOTOR'
3 polymer 'INTERLEUKIN 2 PROMOTOR'
4 non-polymer 'MAGNESIUM ION'
5 water water
#
loop_
_entity_poly.entity_id
_entity_poly.type
_entity_poly.pdbx_seq_one_letter_code
_entity_poly.pdbx_strand_id
1 'polypeptide(L)'
;ASMTGGQQMGRGSDSKPPYSYAQLIVQAITMAPDKQLTLNGIYTHITKNYPYYRTADKGWQNSIRHNLSLNRYFIKVPRS
QEEPGKGSFWRIDPASESKLIEQAFRKRRPR
;
A,B
2 'polydeoxyribonucleotide' (DT)(DG)(DT)(DT)(DG)(DT)(DA)(DA)(DA)(DC)(DA)(DA)(DT)(DA)(DC)(DA) C
3 'polydeoxyribonucleotide' (DA)(DT)(DG)(DT)(DA)(DT)(DT)(DG)(DT)(DT)(DT)(DA)(DC)(DA)(DA)(DC) D
#
# COMPACT_ATOMS: atom_id res chain seq x y z
N ASP A 14 -24.66 10.39 -13.36
CA ASP A 14 -23.51 9.80 -14.11
C ASP A 14 -23.23 8.35 -13.68
N SER A 15 -23.40 7.43 -14.63
CA SER A 15 -23.22 6.00 -14.38
C SER A 15 -21.88 5.40 -14.76
N LYS A 16 -21.77 4.10 -14.53
CA LYS A 16 -20.56 3.36 -14.81
C LYS A 16 -20.45 3.17 -16.30
N PRO A 17 -19.36 3.69 -16.90
CA PRO A 17 -19.14 3.55 -18.34
C PRO A 17 -18.96 2.12 -18.84
N PRO A 18 -19.31 1.86 -20.11
CA PRO A 18 -19.20 0.54 -20.73
C PRO A 18 -17.77 0.26 -21.23
N TYR A 19 -16.81 0.33 -20.32
CA TYR A 19 -15.41 0.11 -20.66
C TYR A 19 -14.68 -0.63 -19.53
N SER A 20 -13.66 -1.40 -19.90
CA SER A 20 -12.86 -2.14 -18.93
C SER A 20 -11.83 -1.18 -18.32
N TYR A 21 -11.29 -1.54 -17.17
CA TYR A 21 -10.32 -0.65 -16.53
C TYR A 21 -9.12 -0.38 -17.42
N ALA A 22 -8.66 -1.40 -18.15
CA ALA A 22 -7.53 -1.25 -19.06
C ALA A 22 -7.87 -0.24 -20.16
N GLN A 23 -9.07 -0.36 -20.72
CA GLN A 23 -9.54 0.56 -21.75
C GLN A 23 -9.51 1.98 -21.19
N LEU A 24 -9.93 2.12 -19.94
CA LEU A 24 -9.96 3.45 -19.31
C LEU A 24 -8.53 3.97 -19.12
N ILE A 25 -7.62 3.10 -18.72
CA ILE A 25 -6.23 3.50 -18.53
C ILE A 25 -5.76 4.00 -19.90
N VAL A 26 -6.00 3.18 -20.93
CA VAL A 26 -5.55 3.51 -22.28
C VAL A 26 -6.16 4.80 -22.74
N GLN A 27 -7.41 5.05 -22.40
CA GLN A 27 -8.05 6.28 -22.82
C GLN A 27 -7.28 7.44 -22.18
N ALA A 28 -7.10 7.37 -20.86
CA ALA A 28 -6.41 8.42 -20.13
C ALA A 28 -4.97 8.66 -20.60
N ILE A 29 -4.20 7.58 -20.72
CA ILE A 29 -2.80 7.69 -21.14
C ILE A 29 -2.59 8.41 -22.47
N THR A 30 -3.31 8.00 -23.51
CA THR A 30 -3.09 8.61 -24.80
C THR A 30 -3.71 10.00 -24.94
N MET A 31 -4.59 10.34 -24.00
CA MET A 31 -5.24 11.64 -24.02
C MET A 31 -4.33 12.68 -23.41
N ALA A 32 -3.19 12.24 -22.88
CA ALA A 32 -2.23 13.14 -22.25
C ALA A 32 -1.27 13.72 -23.28
N PRO A 33 -0.95 15.02 -23.17
CA PRO A 33 -0.04 15.73 -24.06
C PRO A 33 1.10 14.88 -24.62
N ASP A 34 1.93 14.32 -23.74
CA ASP A 34 3.05 13.49 -24.21
C ASP A 34 2.77 12.00 -24.10
N LYS A 35 1.49 11.64 -23.97
CA LYS A 35 1.11 10.24 -23.89
C LYS A 35 1.73 9.40 -22.77
N GLN A 36 1.75 9.97 -21.57
CA GLN A 36 2.27 9.28 -20.40
C GLN A 36 1.70 10.00 -19.19
N LEU A 37 1.29 9.24 -18.19
CA LEU A 37 0.72 9.82 -16.97
C LEU A 37 1.16 9.13 -15.69
N THR A 38 0.91 9.82 -14.59
CA THR A 38 1.21 9.30 -13.26
C THR A 38 -0.09 8.62 -12.83
N LEU A 39 -0.02 7.74 -11.83
CA LEU A 39 -1.19 7.04 -11.31
C LEU A 39 -2.23 8.10 -11.00
N ASN A 40 -1.77 9.13 -10.35
CA ASN A 40 -2.59 10.26 -9.94
C ASN A 40 -3.31 10.87 -11.15
N GLY A 41 -2.51 11.08 -12.18
CA GLY A 41 -3.03 11.62 -13.42
C GLY A 41 -4.11 10.70 -13.98
N ILE A 42 -3.90 9.40 -13.90
CA ILE A 42 -4.89 8.46 -14.41
C ILE A 42 -6.18 8.61 -13.63
N TYR A 43 -6.10 8.66 -12.31
CA TYR A 43 -7.32 8.81 -11.50
C TYR A 43 -8.04 10.11 -11.89
N THR A 44 -7.29 11.18 -12.03
CA THR A 44 -7.91 12.47 -12.38
C THR A 44 -8.65 12.43 -13.72
N HIS A 45 -8.00 11.89 -14.76
CA HIS A 45 -8.64 11.80 -16.07
C HIS A 45 -9.98 11.07 -16.01
N ILE A 46 -9.94 9.87 -15.46
CA ILE A 46 -11.13 9.06 -15.37
C ILE A 46 -12.20 9.77 -14.56
N THR A 47 -11.85 10.21 -13.34
CA THR A 47 -12.89 10.85 -12.54
C THR A 47 -13.49 12.07 -13.21
N LYS A 48 -12.69 12.79 -13.98
CA LYS A 48 -13.17 13.98 -14.67
C LYS A 48 -14.10 13.64 -15.83
N ASN A 49 -13.83 12.55 -16.56
CA ASN A 49 -14.60 12.27 -17.76
C ASN A 49 -15.68 11.22 -17.49
N TYR A 50 -15.66 10.59 -16.33
CA TYR A 50 -16.67 9.60 -15.96
C TYR A 50 -16.91 9.72 -14.46
N PRO A 51 -17.58 10.83 -14.05
CA PRO A 51 -17.89 11.13 -12.64
C PRO A 51 -18.29 9.95 -11.77
N TYR A 52 -18.83 8.90 -12.39
CA TYR A 52 -19.23 7.69 -11.67
C TYR A 52 -18.10 7.29 -10.72
N TYR A 53 -16.87 7.30 -11.22
CA TYR A 53 -15.70 6.94 -10.42
C TYR A 53 -15.31 8.13 -9.54
N ARG A 54 -15.78 8.13 -8.30
CA ARG A 54 -15.47 9.24 -7.40
C ARG A 54 -14.11 9.08 -6.74
N THR A 55 -13.37 10.18 -6.61
CA THR A 55 -12.06 10.13 -6.01
C THR A 55 -12.09 9.59 -4.58
N ALA A 56 -13.27 9.57 -3.95
CA ALA A 56 -13.39 9.08 -2.57
C ALA A 56 -13.50 7.55 -2.45
N ASP A 57 -13.94 6.89 -3.53
CA ASP A 57 -14.08 5.44 -3.52
C ASP A 57 -12.76 4.81 -3.90
N LYS A 58 -12.19 4.06 -2.98
CA LYS A 58 -10.91 3.49 -3.31
C LYS A 58 -10.96 2.16 -4.05
N GLY A 59 -12.13 1.73 -4.17
CA GLY A 59 -12.35 0.46 -4.86
C GLY A 59 -11.77 0.41 -6.26
N TRP A 60 -12.31 1.23 -7.15
CA TRP A 60 -11.84 1.23 -8.52
C TRP A 60 -10.37 1.63 -8.63
N GLN A 61 -9.87 2.39 -7.67
CA GLN A 61 -8.48 2.82 -7.74
C GLN A 61 -7.59 1.61 -7.54
N ASN A 62 -7.98 0.72 -6.63
CA ASN A 62 -7.21 -0.49 -6.40
C ASN A 62 -7.23 -1.21 -7.75
N SER A 63 -8.41 -1.24 -8.38
CA SER A 63 -8.53 -1.91 -9.67
C SER A 63 -7.58 -1.32 -10.72
N ILE A 64 -7.46 0.00 -10.75
CA ILE A 64 -6.53 0.62 -11.69
C ILE A 64 -5.10 0.15 -11.45
N ARG A 65 -4.64 0.24 -10.20
CA ARG A 65 -3.28 -0.18 -9.91
C ARG A 65 -2.97 -1.62 -10.34
N HIS A 66 -3.95 -2.47 -9.98
CA HIS A 66 -3.92 -3.90 -10.33
C HIS A 66 -3.76 -4.06 -11.82
N ASN A 67 -4.50 -3.33 -12.63
CA ASN A 67 -4.41 -3.44 -14.09
C ASN A 67 -3.08 -2.93 -14.61
N LEU A 68 -2.53 -1.91 -13.98
CA LEU A 68 -1.25 -1.39 -14.44
C LEU A 68 -0.16 -2.44 -14.29
N SER A 69 -0.13 -3.13 -13.17
CA SER A 69 0.88 -4.16 -12.92
C SER A 69 0.65 -5.45 -13.71
N LEU A 70 -0.56 -5.99 -13.64
CA LEU A 70 -0.84 -7.23 -14.34
C LEU A 70 -0.58 -7.09 -15.84
N ASN A 71 -1.40 -6.30 -16.51
CA ASN A 71 -1.24 -6.06 -17.91
C ASN A 71 0.14 -5.53 -18.25
N ARG A 72 0.89 -6.52 -18.80
CA ARG A 72 2.23 -6.51 -19.37
C ARG A 72 2.51 -5.36 -20.38
N TYR A 73 1.47 -4.79 -20.98
CA TYR A 73 1.61 -3.72 -21.98
C TYR A 73 1.62 -2.28 -21.43
N PHE A 74 1.66 -2.15 -20.12
CA PHE A 74 1.70 -0.85 -19.45
C PHE A 74 3.09 -0.71 -18.84
N ILE A 75 3.90 0.22 -19.31
CA ILE A 75 5.26 0.35 -18.77
C ILE A 75 5.49 1.51 -17.82
N LYS A 76 6.27 1.26 -16.79
CA LYS A 76 6.58 2.29 -15.80
C LYS A 76 7.79 3.11 -16.26
N VAL A 77 7.70 4.43 -16.10
CA VAL A 77 8.78 5.31 -16.50
C VAL A 77 9.25 6.21 -15.35
N PRO A 78 10.49 5.98 -14.87
CA PRO A 78 11.06 6.76 -13.76
C PRO A 78 10.95 8.27 -13.96
N ARG A 79 10.72 8.98 -12.86
CA ARG A 79 10.62 10.43 -12.90
C ARG A 79 12.04 10.96 -13.05
N SER A 80 12.19 12.02 -13.85
CA SER A 80 13.52 12.59 -14.06
C SER A 80 14.05 13.03 -12.70
N GLN A 81 15.34 12.88 -12.50
CA GLN A 81 15.96 13.24 -11.22
C GLN A 81 15.68 14.71 -10.81
N GLU A 82 15.41 15.56 -11.80
CA GLU A 82 15.12 16.98 -11.56
C GLU A 82 13.70 17.29 -11.10
N GLU A 83 12.84 16.27 -11.08
CA GLU A 83 11.44 16.36 -10.66
C GLU A 83 11.12 15.05 -9.95
N PRO A 84 11.52 14.94 -8.67
CA PRO A 84 11.41 13.86 -7.69
C PRO A 84 10.07 13.46 -7.07
N GLY A 85 8.83 13.60 -7.69
CA GLY A 85 7.56 13.32 -7.04
C GLY A 85 7.34 11.88 -6.72
N LYS A 86 6.16 11.53 -6.23
CA LYS A 86 5.83 10.15 -5.85
C LYS A 86 5.38 9.37 -7.08
N GLY A 87 5.75 8.08 -7.13
CA GLY A 87 5.35 7.27 -8.27
C GLY A 87 5.84 7.75 -9.60
N SER A 88 6.05 6.78 -10.46
CA SER A 88 6.55 7.02 -11.78
C SER A 88 5.49 7.39 -12.84
N PHE A 89 5.92 7.43 -14.09
CA PHE A 89 5.01 7.73 -15.20
C PHE A 89 4.61 6.40 -15.83
N TRP A 90 3.40 6.35 -16.35
CA TRP A 90 2.91 5.15 -17.02
C TRP A 90 2.62 5.49 -18.48
N ARG A 91 3.03 4.61 -19.40
CA ARG A 91 2.78 4.80 -20.82
C ARG A 91 2.52 3.47 -21.48
N ILE A 92 1.86 3.49 -22.63
CA ILE A 92 1.56 2.25 -23.33
C ILE A 92 2.79 1.72 -24.04
N ASP A 93 2.96 0.40 -24.01
CA ASP A 93 4.10 -0.22 -24.67
C ASP A 93 3.87 -0.02 -26.17
N PRO A 94 4.77 0.72 -26.83
CA PRO A 94 4.69 1.01 -28.27
C PRO A 94 4.35 -0.20 -29.13
N ALA A 95 4.87 -1.36 -28.71
CA ALA A 95 4.63 -2.61 -29.42
C ALA A 95 3.15 -2.86 -29.66
N SER A 96 2.33 -2.64 -28.62
CA SER A 96 0.90 -2.88 -28.73
C SER A 96 0.02 -1.63 -28.62
N GLU A 97 0.64 -0.46 -28.72
CA GLU A 97 -0.12 0.79 -28.62
C GLU A 97 -1.26 0.89 -29.63
N SER A 98 -0.99 0.56 -30.88
CA SER A 98 -2.01 0.63 -31.93
C SER A 98 -3.17 -0.31 -31.65
N LYS A 99 -2.85 -1.49 -31.10
CA LYS A 99 -3.85 -2.49 -30.77
C LYS A 99 -4.76 -1.93 -29.68
N LEU A 100 -4.14 -1.56 -28.56
CA LEU A 100 -4.85 -1.02 -27.42
C LEU A 100 -5.66 0.24 -27.75
N ILE A 101 -5.03 1.18 -28.43
CA ILE A 101 -5.71 2.42 -28.79
C ILE A 101 -6.89 2.17 -29.73
N GLU A 102 -6.74 1.21 -30.65
CA GLU A 102 -7.81 0.91 -31.58
C GLU A 102 -9.12 0.54 -30.88
N GLN A 103 -9.03 -0.22 -29.80
CA GLN A 103 -10.22 -0.67 -29.08
C GLN A 103 -10.47 0.03 -27.73
N ALA A 104 -9.64 1.00 -27.40
CA ALA A 104 -9.79 1.73 -26.15
C ALA A 104 -11.21 2.28 -26.01
N PHE A 105 -11.79 2.74 -27.12
CA PHE A 105 -13.13 3.32 -27.10
C PHE A 105 -14.25 2.42 -27.63
N ARG A 106 -13.98 1.12 -27.76
CA ARG A 106 -15.00 0.19 -28.24
C ARG A 106 -15.86 -0.17 -27.04
N LYS A 107 -17.06 0.41 -26.97
CA LYS A 107 -17.98 0.15 -25.87
C LYS A 107 -18.36 -1.32 -25.84
N ARG A 108 -18.38 -1.90 -24.65
CA ARG A 108 -18.71 -3.31 -24.49
C ARG A 108 -20.17 -3.54 -24.14
N ARG A 109 -20.65 -4.75 -24.44
CA ARG A 109 -22.03 -5.12 -24.15
C ARG A 109 -22.20 -5.14 -22.63
N PRO A 110 -23.32 -4.59 -22.14
CA PRO A 110 -23.59 -4.54 -20.70
C PRO A 110 -23.26 -5.82 -19.96
N ARG A 111 -22.42 -5.59 -18.94
CA ARG A 111 -21.87 -6.65 -18.07
C ARG A 111 -22.91 -7.25 -17.14
N ASP B 14 19.36 -15.70 12.83
CA ASP B 14 19.94 -16.57 11.79
C ASP B 14 19.08 -16.62 10.55
N SER B 15 17.80 -16.97 10.69
CA SER B 15 16.89 -17.06 9.55
C SER B 15 15.57 -16.31 9.77
N LYS B 16 15.02 -15.75 8.71
CA LYS B 16 13.77 -15.00 8.82
C LYS B 16 12.68 -15.89 9.40
N PRO B 17 12.07 -15.45 10.51
CA PRO B 17 11.00 -16.18 11.20
C PRO B 17 9.78 -16.32 10.30
N PRO B 18 8.96 -17.36 10.51
CA PRO B 18 7.76 -17.58 9.70
C PRO B 18 6.57 -16.79 10.25
N TYR B 19 6.77 -15.49 10.49
CA TYR B 19 5.69 -14.66 11.03
C TYR B 19 5.57 -13.32 10.32
N SER B 20 4.34 -12.85 10.20
CA SER B 20 4.10 -11.56 9.57
C SER B 20 4.56 -10.48 10.55
N TYR B 21 4.63 -9.26 10.05
CA TYR B 21 5.03 -8.13 10.87
C TYR B 21 3.96 -7.87 11.93
N ALA B 22 2.70 -8.06 11.54
CA ALA B 22 1.61 -7.84 12.49
C ALA B 22 1.77 -8.84 13.64
N GLN B 23 2.18 -10.06 13.34
CA GLN B 23 2.39 -11.11 14.35
C GLN B 23 3.55 -10.80 15.28
N LEU B 24 4.66 -10.34 14.71
CA LEU B 24 5.82 -9.99 15.53
C LEU B 24 5.42 -8.89 16.51
N ILE B 25 4.67 -7.92 16.00
CA ILE B 25 4.22 -6.81 16.85
C ILE B 25 3.35 -7.33 18.00
N VAL B 26 2.43 -8.24 17.69
CA VAL B 26 1.57 -8.80 18.72
C VAL B 26 2.50 -9.50 19.71
N GLN B 27 3.49 -10.20 19.18
CA GLN B 27 4.43 -10.91 20.00
C GLN B 27 5.10 -9.97 20.97
N ALA B 28 5.67 -8.87 20.44
CA ALA B 28 6.38 -7.88 21.23
C ALA B 28 5.56 -7.17 22.29
N ILE B 29 4.38 -6.69 21.94
CA ILE B 29 3.52 -5.98 22.90
C ILE B 29 3.10 -6.90 24.04
N THR B 30 2.52 -8.03 23.68
CA THR B 30 2.07 -9.02 24.62
C THR B 30 3.19 -9.41 25.61
N MET B 31 4.42 -9.32 25.14
CA MET B 31 5.58 -9.67 25.96
C MET B 31 5.99 -8.58 26.96
N ALA B 32 5.57 -7.35 26.73
CA ALA B 32 5.92 -6.26 27.64
C ALA B 32 5.05 -6.32 28.89
N PRO B 33 5.58 -5.89 30.04
CA PRO B 33 4.86 -5.89 31.32
C PRO B 33 3.48 -5.24 31.33
N ASP B 34 3.41 -3.94 31.04
CA ASP B 34 2.12 -3.24 31.04
C ASP B 34 1.35 -3.65 29.81
N LYS B 35 1.90 -4.62 29.10
CA LYS B 35 1.31 -5.11 27.87
C LYS B 35 1.12 -3.95 26.87
N GLN B 36 2.19 -3.15 26.73
CA GLN B 36 2.22 -2.02 25.80
C GLN B 36 3.67 -1.64 25.56
N LEU B 37 4.00 -1.20 24.35
CA LEU B 37 5.38 -0.80 24.04
C LEU B 37 5.46 0.39 23.12
N THR B 38 6.63 1.04 23.10
CA THR B 38 6.85 2.17 22.19
C THR B 38 7.51 1.53 20.98
N LEU B 39 7.46 2.21 19.84
CA LEU B 39 8.08 1.70 18.62
C LEU B 39 9.45 1.14 18.97
N ASN B 40 10.29 1.96 19.60
CA ASN B 40 11.66 1.59 19.97
C ASN B 40 11.67 0.25 20.69
N GLY B 41 10.84 0.14 21.74
CA GLY B 41 10.74 -1.10 22.49
C GLY B 41 10.34 -2.25 21.57
N ILE B 42 9.43 -1.99 20.62
CA ILE B 42 9.00 -3.04 19.69
C ILE B 42 10.19 -3.49 18.84
N TYR B 43 11.00 -2.54 18.38
CA TYR B 43 12.18 -2.85 17.56
C TYR B 43 13.11 -3.74 18.37
N THR B 44 13.51 -3.25 19.54
CA THR B 44 14.45 -4.01 20.34
C THR B 44 13.97 -5.41 20.72
N HIS B 45 12.68 -5.58 20.90
CA HIS B 45 12.19 -6.90 21.27
C HIS B 45 12.40 -7.87 20.12
N ILE B 46 12.07 -7.43 18.92
CA ILE B 46 12.18 -8.23 17.71
C ILE B 46 13.60 -8.69 17.37
N THR B 47 14.55 -7.76 17.36
CA THR B 47 15.92 -8.13 17.01
C THR B 47 16.62 -8.92 18.13
N LYS B 48 16.11 -8.84 19.35
CA LYS B 48 16.66 -9.63 20.45
C LYS B 48 16.20 -11.09 20.40
N ASN B 49 14.92 -11.31 20.06
CA ASN B 49 14.38 -12.66 20.00
C ASN B 49 14.62 -13.30 18.64
N TYR B 50 14.63 -12.50 17.59
CA TYR B 50 14.83 -12.99 16.22
C TYR B 50 16.00 -12.24 15.57
N PRO B 51 17.26 -12.68 15.85
CA PRO B 51 18.48 -12.05 15.32
C PRO B 51 18.53 -11.70 13.83
N TYR B 52 17.77 -12.42 13.00
CA TYR B 52 17.73 -12.15 11.56
C TYR B 52 17.52 -10.66 11.29
N TYR B 53 16.58 -10.06 12.02
CA TYR B 53 16.28 -8.64 11.87
C TYR B 53 17.38 -7.83 12.55
N ARG B 54 18.24 -7.18 11.76
CA ARG B 54 19.29 -6.39 12.36
C ARG B 54 18.90 -4.92 12.29
N THR B 55 19.30 -4.15 13.28
CA THR B 55 18.97 -2.73 13.28
C THR B 55 19.59 -2.03 12.06
N ALA B 56 20.39 -2.77 11.31
CA ALA B 56 21.06 -2.25 10.10
C ALA B 56 20.14 -2.16 8.89
N ASP B 57 19.27 -3.17 8.70
CA ASP B 57 18.33 -3.19 7.58
C ASP B 57 17.12 -2.46 8.07
N LYS B 58 16.84 -1.30 7.47
CA LYS B 58 15.72 -0.53 7.92
C LYS B 58 14.45 -0.92 7.17
N GLY B 59 14.62 -1.84 6.23
CA GLY B 59 13.51 -2.32 5.43
C GLY B 59 12.39 -2.85 6.31
N TRP B 60 12.70 -3.77 7.22
CA TRP B 60 11.69 -4.34 8.09
C TRP B 60 11.19 -3.34 9.11
N GLN B 61 12.02 -2.35 9.43
CA GLN B 61 11.64 -1.36 10.41
C GLN B 61 10.59 -0.41 9.88
N ASN B 62 10.63 -0.13 8.58
CA ASN B 62 9.63 0.75 8.00
C ASN B 62 8.33 -0.09 7.98
N SER B 63 8.50 -1.38 7.73
CA SER B 63 7.38 -2.30 7.71
C SER B 63 6.62 -2.30 9.05
N ILE B 64 7.37 -2.31 10.14
CA ILE B 64 6.80 -2.32 11.48
C ILE B 64 6.01 -1.03 11.72
N ARG B 65 6.56 0.10 11.31
CA ARG B 65 5.90 1.38 11.50
C ARG B 65 4.68 1.44 10.61
N HIS B 66 4.79 0.89 9.40
CA HIS B 66 3.67 0.91 8.50
C HIS B 66 2.56 0.03 9.07
N ASN B 67 2.92 -1.17 9.47
CA ASN B 67 1.94 -2.09 10.02
C ASN B 67 1.24 -1.52 11.25
N LEU B 68 1.95 -0.73 12.05
CA LEU B 68 1.33 -0.13 13.22
C LEU B 68 0.23 0.86 12.82
N SER B 69 0.51 1.71 11.85
CA SER B 69 -0.45 2.71 11.37
C SER B 69 -1.64 2.12 10.63
N LEU B 70 -1.33 1.15 9.77
CA LEU B 70 -2.33 0.47 8.97
C LEU B 70 -3.37 -0.26 9.82
N ASN B 71 -2.91 -1.28 10.51
CA ASN B 71 -3.75 -2.14 11.35
C ASN B 71 -4.56 -1.56 12.47
N ARG B 72 -5.85 -1.64 12.24
CA ARG B 72 -6.87 -1.18 13.15
C ARG B 72 -6.85 -2.07 14.42
N TYR B 73 -5.93 -3.08 14.34
CA TYR B 73 -5.61 -4.02 15.42
C TYR B 73 -4.72 -3.33 16.49
N PHE B 74 -3.93 -2.33 16.10
CA PHE B 74 -3.05 -1.64 17.03
C PHE B 74 -3.51 -0.22 17.33
N ILE B 75 -3.71 0.09 18.60
CA ILE B 75 -4.15 1.42 18.97
C ILE B 75 -2.99 2.22 19.53
N LYS B 76 -2.96 3.51 19.20
CA LYS B 76 -1.90 4.38 19.68
C LYS B 76 -2.33 5.08 20.97
N VAL B 77 -1.51 4.91 22.01
CA VAL B 77 -1.76 5.49 23.32
C VAL B 77 -0.84 6.69 23.54
N PRO B 78 -1.42 7.88 23.77
CA PRO B 78 -0.64 9.10 23.99
C PRO B 78 0.30 8.98 25.20
N ARG B 79 1.59 9.24 25.00
CA ARG B 79 2.58 9.14 26.07
C ARG B 79 2.71 10.47 26.80
N SER B 80 2.96 10.40 28.11
CA SER B 80 3.10 11.59 28.95
C SER B 80 4.50 12.21 28.86
N GLN B 81 5.40 11.76 29.74
CA GLN B 81 6.76 12.29 29.75
C GLN B 81 7.81 11.26 30.16
N GLU B 82 7.45 9.98 30.12
CA GLU B 82 8.44 8.95 30.43
C GLU B 82 9.56 8.93 29.41
N GLU B 83 9.40 9.84 28.44
CA GLU B 83 10.36 10.03 27.35
C GLU B 83 9.95 11.19 26.46
N PRO B 84 10.51 12.39 26.72
CA PRO B 84 10.22 13.60 25.95
C PRO B 84 11.04 13.64 24.66
N GLY B 85 11.26 12.47 24.07
CA GLY B 85 12.04 12.38 22.85
C GLY B 85 11.78 11.14 22.02
N LYS B 86 10.86 10.29 22.46
CA LYS B 86 10.52 9.07 21.74
C LYS B 86 9.04 8.72 21.83
N GLY B 87 8.39 8.80 20.67
CA GLY B 87 6.97 8.52 20.49
C GLY B 87 6.01 7.97 21.54
N SER B 88 4.80 7.66 21.07
CA SER B 88 3.73 7.15 21.90
C SER B 88 3.89 5.66 22.20
N PHE B 89 2.91 5.13 22.92
CA PHE B 89 2.87 3.73 23.27
C PHE B 89 1.91 3.05 22.31
N TRP B 90 2.09 1.74 22.11
CA TRP B 90 1.21 0.98 21.24
C TRP B 90 0.71 -0.26 21.98
N ARG B 91 -0.59 -0.45 22.01
CA ARG B 91 -1.15 -1.65 22.63
C ARG B 91 -2.17 -2.26 21.69
N ILE B 92 -2.57 -3.50 21.97
CA ILE B 92 -3.51 -4.18 21.11
C ILE B 92 -4.98 -3.89 21.35
N ASP B 93 -5.72 -3.82 20.25
CA ASP B 93 -7.17 -3.56 20.29
C ASP B 93 -7.81 -4.54 21.27
N PRO B 94 -8.45 -4.02 22.32
CA PRO B 94 -9.09 -4.90 23.31
C PRO B 94 -9.93 -6.06 22.76
N ALA B 95 -10.95 -5.74 21.97
CA ALA B 95 -11.83 -6.77 21.41
C ALA B 95 -11.13 -7.87 20.65
N SER B 96 -10.01 -7.57 20.01
CA SER B 96 -9.32 -8.61 19.26
C SER B 96 -8.04 -9.16 19.88
N GLU B 97 -7.67 -8.64 21.05
CA GLU B 97 -6.45 -9.09 21.71
C GLU B 97 -6.39 -10.60 21.91
N SER B 98 -7.45 -11.18 22.45
CA SER B 98 -7.49 -12.61 22.68
C SER B 98 -7.26 -13.41 21.40
N LYS B 99 -7.93 -13.02 20.32
CA LYS B 99 -7.78 -13.73 19.05
C LYS B 99 -6.33 -13.67 18.55
N LEU B 100 -5.75 -12.47 18.58
CA LEU B 100 -4.39 -12.25 18.11
C LEU B 100 -3.37 -13.02 18.91
N ILE B 101 -3.49 -12.98 20.24
CA ILE B 101 -2.57 -13.71 21.11
C ILE B 101 -2.50 -15.18 20.65
N GLU B 102 -3.66 -15.79 20.46
CA GLU B 102 -3.75 -17.19 20.02
C GLU B 102 -3.12 -17.42 18.65
N GLN B 103 -3.10 -16.37 17.83
CA GLN B 103 -2.56 -16.44 16.49
C GLN B 103 -1.13 -15.92 16.36
N ALA B 104 -0.65 -15.21 17.38
CA ALA B 104 0.67 -14.61 17.35
C ALA B 104 1.85 -15.51 16.98
N PHE B 105 1.75 -16.80 17.25
CA PHE B 105 2.84 -17.70 16.95
C PHE B 105 2.48 -18.76 15.92
N ARG B 106 1.29 -18.66 15.36
CA ARG B 106 0.84 -19.62 14.36
C ARG B 106 1.72 -19.47 13.12
N LYS B 107 2.79 -20.25 13.06
CA LYS B 107 3.71 -20.21 11.91
C LYS B 107 2.86 -20.27 10.64
N ARG B 108 3.21 -19.47 9.64
CA ARG B 108 2.47 -19.45 8.39
C ARG B 108 3.38 -19.76 7.19
N ARG B 109 2.90 -19.62 6.05
#